data_3WIX
#
_entry.id   3WIX
#
_cell.length_a   38.169
_cell.length_b   133.829
_cell.length_c   58.243
_cell.angle_alpha   90.00
_cell.angle_beta   89.94
_cell.angle_gamma   90.00
#
_symmetry.space_group_name_H-M   'P 1 21 1'
#
loop_
_entity.id
_entity.type
_entity.pdbx_description
1 polymer 'Induced myeloid leukemia cell differentiation protein Mcl-1'
2 non-polymer '7-(4-carboxyphenyl)-3-[3-(naphthalen-1-yloxy)propyl]pyrazolo[1,5-a]pyridine-2-carboxylic acid'
3 water water
#
_entity_poly.entity_id   1
_entity_poly.type   'polypeptide(L)'
_entity_poly.pdbx_seq_one_letter_code
;GPLGSDELYRQSLEIISRYLREQATGAKDTKPMGRSGATSRKALETLRRVGDGVQRNHETAFQGMLRKLDIKNEDDVKSL
SRVMIHVFSDGVTNWGRIVTLISFGAFVAKHLKTINQESCIEPLAESITDVLVRTKRDWLVKQRGWDGFVEFFHVEDLEG
G
;
_entity_poly.pdbx_strand_id   A,B,C,D
#
loop_
_chem_comp.id
_chem_comp.type
_chem_comp.name
_chem_comp.formula
LC3 non-polymer '7-(4-carboxyphenyl)-3-[3-(naphthalen-1-yloxy)propyl]pyrazolo[1,5-a]pyridine-2-carboxylic acid' 'C28 H22 N2 O5'
#
# COMPACT_ATOMS: atom_id res chain seq x y z
N ASP A 6 -6.24 -11.76 15.26
CA ASP A 6 -5.07 -12.55 15.75
C ASP A 6 -3.98 -11.66 16.36
N GLU A 7 -4.15 -11.38 17.64
CA GLU A 7 -3.23 -10.52 18.36
C GLU A 7 -1.90 -11.22 18.62
N LEU A 8 -1.99 -12.53 18.85
CA LEU A 8 -0.78 -13.30 19.11
C LEU A 8 0.07 -13.39 17.85
N TYR A 9 -0.57 -13.53 16.68
CA TYR A 9 0.25 -13.48 15.41
C TYR A 9 0.99 -12.14 15.29
N ARG A 10 0.21 -11.06 15.40
CA ARG A 10 0.70 -9.71 15.28
C ARG A 10 1.95 -9.46 16.13
N GLN A 11 1.84 -9.79 17.42
CA GLN A 11 2.91 -9.57 18.38
C GLN A 11 4.12 -10.46 18.04
N SER A 12 3.81 -11.73 17.77
CA SER A 12 4.84 -12.71 17.43
C SER A 12 5.60 -12.18 16.21
N LEU A 13 4.87 -11.64 15.24
CA LEU A 13 5.51 -11.12 14.03
C LEU A 13 6.41 -9.92 14.29
N GLU A 14 5.97 -9.04 15.20
CA GLU A 14 6.72 -7.85 15.54
C GLU A 14 8.09 -8.19 16.15
N ILE A 15 8.11 -9.16 17.04
CA ILE A 15 9.34 -9.61 17.70
C ILE A 15 10.30 -10.35 16.73
N ILE A 16 9.77 -11.34 16.03
CA ILE A 16 10.58 -12.20 15.15
C ILE A 16 11.19 -11.47 13.95
N SER A 17 10.42 -10.63 13.27
CA SER A 17 10.93 -9.83 12.13
C SER A 17 12.09 -8.96 12.57
N ARG A 18 11.97 -8.30 13.73
CA ARG A 18 13.05 -7.46 14.27
C ARG A 18 14.31 -8.25 14.66
N TYR A 19 14.12 -9.40 15.28
CA TYR A 19 15.28 -10.20 15.71
C TYR A 19 16.03 -10.74 14.48
N LEU A 20 15.30 -11.32 13.51
CA LEU A 20 15.96 -11.81 12.27
C LEU A 20 16.71 -10.67 11.57
N ARG A 21 16.06 -9.51 11.40
CA ARG A 21 16.72 -8.35 10.74
C ARG A 21 17.93 -7.86 11.53
N GLU A 22 17.86 -7.90 12.86
CA GLU A 22 19.04 -7.45 13.58
C GLU A 22 20.16 -8.48 13.59
N GLN A 23 19.80 -9.75 13.55
CA GLN A 23 20.78 -10.81 13.37
C GLN A 23 21.42 -10.72 11.98
N ALA A 24 20.60 -10.56 10.94
CA ALA A 24 21.11 -10.45 9.57
C ALA A 24 22.01 -9.23 9.38
N THR A 25 21.54 -8.07 9.87
CA THR A 25 22.22 -6.79 9.66
C THR A 25 23.30 -6.42 10.68
N GLY A 26 23.25 -7.02 11.87
CA GLY A 26 24.07 -6.59 12.98
C GLY A 26 23.73 -5.18 13.47
N ALA A 27 22.53 -4.70 13.11
CA ALA A 27 22.08 -3.37 13.45
C ALA A 27 20.95 -3.48 14.44
N LYS A 28 21.10 -2.84 15.61
CA LYS A 28 20.01 -2.87 16.59
C LYS A 28 18.81 -2.19 15.93
N ASP A 29 17.71 -2.92 15.78
CA ASP A 29 16.59 -2.37 15.00
C ASP A 29 15.99 -1.17 15.70
N THR A 30 15.54 -0.20 14.88
CA THR A 30 15.15 1.12 15.35
C THR A 30 13.80 1.53 14.79
N LYS A 31 13.13 0.61 14.09
CA LYS A 31 11.78 0.86 13.59
C LYS A 31 10.79 0.89 14.76
N PRO A 32 10.04 2.00 14.92
CA PRO A 32 9.09 1.95 16.02
C PRO A 32 7.95 0.95 15.71
N MET A 33 7.38 0.37 16.75
CA MET A 33 6.16 -0.42 16.62
C MET A 33 4.98 0.57 16.50
N GLY A 34 3.76 0.07 16.39
CA GLY A 34 2.58 0.94 16.34
C GLY A 34 2.33 1.72 17.63
N ARG A 35 2.79 1.16 18.74
CA ARG A 35 2.61 1.69 20.10
C ARG A 35 3.52 0.96 21.10
N SER A 36 3.57 1.44 22.33
CA SER A 36 4.34 0.72 23.36
C SER A 36 4.03 -0.76 23.37
N GLY A 37 5.10 -1.55 23.47
CA GLY A 37 5.00 -3.01 23.56
C GLY A 37 6.08 -3.47 24.52
N ALA A 38 5.89 -3.26 25.83
CA ALA A 38 6.96 -3.51 26.82
C ALA A 38 7.42 -4.98 26.84
N THR A 39 6.46 -5.90 26.73
CA THR A 39 6.77 -7.33 26.61
C THR A 39 7.53 -7.64 25.34
N SER A 40 7.07 -7.06 24.23
CA SER A 40 7.74 -7.19 22.93
C SER A 40 9.21 -6.76 22.95
N ARG A 41 9.50 -5.59 23.54
CA ARG A 41 10.91 -5.13 23.71
C ARG A 41 11.75 -6.04 24.63
N LYS A 42 11.13 -6.59 25.68
CA LYS A 42 11.86 -7.49 26.57
C LYS A 42 12.06 -8.84 25.91
N ALA A 43 11.09 -9.27 25.09
CA ALA A 43 11.24 -10.51 24.34
C ALA A 43 12.38 -10.40 23.31
N LEU A 44 12.59 -9.21 22.75
CA LEU A 44 13.70 -8.99 21.80
C LEU A 44 15.05 -9.06 22.54
N GLU A 45 15.08 -8.42 23.70
CA GLU A 45 16.19 -8.50 24.66
C GLU A 45 16.61 -9.91 25.05
N THR A 46 15.63 -10.77 25.31
CA THR A 46 15.81 -12.17 25.67
C THR A 46 16.37 -13.00 24.49
N LEU A 47 15.76 -12.83 23.30
CA LEU A 47 16.31 -13.41 22.05
C LEU A 47 17.76 -13.01 21.83
N ARG A 48 18.02 -11.71 21.93
CA ARG A 48 19.38 -11.24 21.89
C ARG A 48 20.29 -12.05 22.81
N ARG A 49 19.93 -12.14 24.09
CA ARG A 49 20.79 -12.80 25.10
C ARG A 49 20.94 -14.31 24.91
N VAL A 50 19.84 -15.03 24.72
CA VAL A 50 19.91 -16.50 24.63
C VAL A 50 19.96 -17.07 23.20
N GLY A 51 19.42 -16.33 22.23
CA GLY A 51 19.40 -16.79 20.85
C GLY A 51 20.77 -17.02 20.27
N ASP A 52 21.68 -16.10 20.57
CA ASP A 52 23.07 -16.14 20.11
C ASP A 52 23.81 -17.42 20.47
N GLY A 53 23.65 -17.84 21.73
CA GLY A 53 24.32 -19.05 22.25
C GLY A 53 23.60 -20.34 21.85
N VAL A 54 22.32 -20.24 21.52
CA VAL A 54 21.64 -21.39 20.95
C VAL A 54 22.26 -21.77 19.60
N GLN A 55 22.62 -20.76 18.81
CA GLN A 55 23.25 -20.95 17.50
C GLN A 55 24.66 -21.57 17.66
N ARG A 56 25.42 -21.08 18.63
CA ARG A 56 26.77 -21.61 18.90
C ARG A 56 26.79 -23.07 19.38
N ASN A 57 25.70 -23.50 20.00
CA ASN A 57 25.53 -24.88 20.45
C ASN A 57 24.93 -25.81 19.42
N HIS A 58 24.33 -25.24 18.38
CA HIS A 58 23.75 -26.05 17.33
C HIS A 58 24.43 -25.80 15.99
N GLU A 59 25.65 -25.28 16.04
CA GLU A 59 26.41 -24.87 14.86
C GLU A 59 26.41 -25.95 13.78
N THR A 60 26.59 -27.20 14.20
CA THR A 60 26.72 -28.33 13.28
C THR A 60 25.39 -28.75 12.66
N ALA A 61 24.35 -28.94 13.48
CA ALA A 61 23.02 -29.33 12.98
C ALA A 61 22.33 -28.23 12.17
N PHE A 62 22.60 -26.97 12.54
CA PHE A 62 22.10 -25.79 11.80
C PHE A 62 22.73 -25.71 10.40
N GLN A 63 24.03 -25.90 10.30
CA GLN A 63 24.64 -25.87 8.96
C GLN A 63 24.18 -27.03 8.08
N GLY A 64 24.08 -28.21 8.71
CA GLY A 64 23.60 -29.40 8.02
C GLY A 64 22.15 -29.20 7.59
N MET A 65 21.37 -28.52 8.40
CA MET A 65 19.97 -28.25 8.02
C MET A 65 19.87 -27.24 6.87
N LEU A 66 20.63 -26.15 6.98
CA LEU A 66 20.73 -25.16 5.90
C LEU A 66 21.24 -25.75 4.57
N ARG A 67 22.16 -26.72 4.66
CA ARG A 67 22.71 -27.41 3.48
C ARG A 67 21.63 -28.05 2.69
N LYS A 68 20.92 -28.92 3.38
CA LYS A 68 19.77 -29.63 2.87
C LYS A 68 18.75 -28.71 2.19
N LEU A 69 18.36 -27.65 2.90
CA LEU A 69 17.33 -26.70 2.48
C LEU A 69 17.69 -26.02 1.14
N ASP A 70 18.99 -25.83 0.93
CA ASP A 70 19.56 -25.23 -0.27
C ASP A 70 18.80 -23.97 -0.66
N ILE A 71 19.06 -22.90 0.08
CA ILE A 71 18.28 -21.67 -0.06
C ILE A 71 19.03 -20.61 -0.88
N LYS A 72 18.35 -20.07 -1.89
CA LYS A 72 18.93 -19.09 -2.79
C LYS A 72 18.00 -17.91 -3.06
N ASN A 73 16.71 -18.12 -2.84
CA ASN A 73 15.74 -17.11 -3.21
C ASN A 73 14.36 -17.20 -2.56
N GLU A 74 13.48 -16.31 -3.02
CA GLU A 74 12.17 -16.10 -2.41
C GLU A 74 11.27 -17.31 -2.59
N ASP A 75 11.34 -17.93 -3.77
CA ASP A 75 10.63 -19.17 -4.04
C ASP A 75 11.02 -20.21 -3.03
N ASP A 76 12.30 -20.21 -2.65
CA ASP A 76 12.84 -21.20 -1.71
C ASP A 76 12.35 -20.91 -0.29
N VAL A 77 12.47 -19.66 0.13
CA VAL A 77 11.96 -19.20 1.42
C VAL A 77 10.47 -19.49 1.54
N LYS A 78 9.74 -19.39 0.43
CA LYS A 78 8.30 -19.62 0.42
C LYS A 78 7.94 -21.09 0.62
N SER A 79 8.92 -21.96 0.39
CA SER A 79 8.75 -23.41 0.34
C SER A 79 9.37 -24.12 1.53
N LEU A 80 9.32 -23.48 2.71
CA LEU A 80 9.93 -24.05 3.90
C LEU A 80 8.88 -24.51 4.91
N SER A 81 7.71 -23.92 4.81
CA SER A 81 6.66 -24.15 5.77
C SER A 81 6.49 -25.63 6.19
N ARG A 82 6.43 -26.55 5.24
CA ARG A 82 6.12 -27.99 5.53
C ARG A 82 7.23 -28.71 6.32
N VAL A 83 8.46 -28.50 5.92
CA VAL A 83 9.61 -29.00 6.69
C VAL A 83 9.69 -28.39 8.10
N MET A 84 9.58 -27.07 8.18
CA MET A 84 9.45 -26.40 9.47
C MET A 84 8.49 -27.15 10.36
N ILE A 85 7.23 -27.34 9.90
CA ILE A 85 6.18 -28.05 10.66
C ILE A 85 6.58 -29.45 11.14
N HIS A 86 7.14 -30.23 10.20
CA HIS A 86 7.53 -31.60 10.45
C HIS A 86 8.54 -31.72 11.59
N VAL A 87 9.62 -30.94 11.51
CA VAL A 87 10.65 -30.98 12.53
C VAL A 87 10.15 -30.48 13.90
N PHE A 88 9.38 -29.38 13.87
CA PHE A 88 8.91 -28.63 15.04
C PHE A 88 7.84 -29.35 15.86
N SER A 89 7.03 -30.16 15.21
CA SER A 89 5.96 -30.82 15.93
C SER A 89 6.28 -32.24 16.38
N ASP A 90 7.54 -32.63 16.29
CA ASP A 90 8.00 -33.86 16.91
C ASP A 90 8.11 -33.65 18.41
N GLY A 91 8.36 -34.75 19.13
CA GLY A 91 8.60 -34.75 20.57
C GLY A 91 7.52 -34.04 21.34
N VAL A 92 7.92 -33.02 22.11
CA VAL A 92 6.93 -32.23 22.84
C VAL A 92 7.32 -30.75 22.87
N THR A 93 6.37 -29.91 23.22
CA THR A 93 6.57 -28.47 23.16
C THR A 93 7.17 -27.94 24.46
N ASN A 94 8.17 -27.06 24.31
CA ASN A 94 8.72 -26.24 25.40
C ASN A 94 9.33 -24.96 24.80
N TRP A 95 9.69 -24.00 25.66
CA TRP A 95 10.35 -22.74 25.25
C TRP A 95 11.73 -22.91 24.62
N GLY A 96 12.47 -23.94 25.00
CA GLY A 96 13.76 -24.25 24.36
C GLY A 96 13.61 -24.49 22.85
N ARG A 97 12.58 -25.25 22.48
CA ARG A 97 12.41 -25.57 21.07
C ARG A 97 11.86 -24.38 20.29
N ILE A 98 11.08 -23.53 20.98
CA ILE A 98 10.65 -22.26 20.38
C ILE A 98 11.82 -21.32 20.08
N VAL A 99 12.77 -21.26 21.02
CA VAL A 99 14.00 -20.52 20.81
C VAL A 99 14.78 -21.13 19.62
N THR A 100 14.76 -22.46 19.48
CA THR A 100 15.53 -23.15 18.43
C THR A 100 15.01 -22.74 17.05
N LEU A 101 13.69 -22.80 16.88
CA LEU A 101 12.96 -22.33 15.70
C LEU A 101 13.38 -20.92 15.26
N ILE A 102 13.35 -19.98 16.21
CA ILE A 102 13.59 -18.59 15.95
C ILE A 102 15.07 -18.37 15.68
N SER A 103 15.91 -19.00 16.50
CA SER A 103 17.36 -18.91 16.40
C SER A 103 17.87 -19.51 15.07
N PHE A 104 17.40 -20.70 14.69
CA PHE A 104 17.56 -21.16 13.30
C PHE A 104 17.02 -20.13 12.24
N GLY A 105 15.93 -19.41 12.56
CA GLY A 105 15.40 -18.32 11.68
C GLY A 105 16.45 -17.23 11.44
N ALA A 106 17.14 -16.86 12.51
CA ALA A 106 18.26 -15.88 12.50
C ALA A 106 19.45 -16.41 11.73
N PHE A 107 19.65 -17.72 11.80
CA PHE A 107 20.74 -18.37 11.08
C PHE A 107 20.51 -18.24 9.57
N VAL A 108 19.28 -18.50 9.15
CA VAL A 108 18.86 -18.48 7.77
C VAL A 108 18.77 -17.03 7.30
N ALA A 109 18.43 -16.09 8.20
CA ALA A 109 18.40 -14.66 7.86
C ALA A 109 19.78 -14.23 7.45
N LYS A 110 20.73 -14.61 8.27
CA LYS A 110 22.12 -14.26 8.08
C LYS A 110 22.62 -14.89 6.77
N HIS A 111 22.29 -16.15 6.53
CA HIS A 111 22.51 -16.77 5.19
C HIS A 111 21.96 -15.89 4.03
N LEU A 112 20.76 -15.33 4.21
CA LEU A 112 20.11 -14.56 3.15
C LEU A 112 20.82 -13.25 2.79
N LYS A 113 21.19 -12.48 3.81
CA LYS A 113 22.12 -11.36 3.62
C LYS A 113 23.41 -11.78 2.90
N THR A 114 24.02 -12.86 3.35
CA THR A 114 25.28 -13.31 2.76
C THR A 114 25.10 -13.56 1.25
N ILE A 115 23.96 -14.12 0.85
CA ILE A 115 23.70 -14.39 -0.56
C ILE A 115 22.97 -13.25 -1.31
N ASN A 116 23.04 -12.02 -0.76
CA ASN A 116 22.38 -10.84 -1.34
C ASN A 116 20.87 -11.03 -1.58
N GLN A 117 20.20 -11.71 -0.66
CA GLN A 117 18.75 -11.94 -0.79
C GLN A 117 18.05 -11.43 0.45
N GLU A 118 18.56 -10.32 0.96
CA GLU A 118 18.05 -9.62 2.14
C GLU A 118 16.53 -9.39 2.17
N SER A 119 15.91 -9.22 1.02
CA SER A 119 14.49 -8.90 0.93
C SER A 119 13.63 -10.11 1.25
N CYS A 120 14.26 -11.27 1.35
CA CYS A 120 13.58 -12.50 1.72
C CYS A 120 13.42 -12.66 3.22
N ILE A 121 14.12 -11.85 4.01
CA ILE A 121 14.09 -12.00 5.48
C ILE A 121 12.69 -11.70 6.01
N GLU A 122 12.00 -10.75 5.38
CA GLU A 122 10.67 -10.35 5.82
C GLU A 122 9.68 -11.51 5.63
N PRO A 123 9.59 -12.10 4.42
CA PRO A 123 8.74 -13.30 4.29
C PRO A 123 9.21 -14.54 5.08
N LEU A 124 10.50 -14.67 5.31
CA LEU A 124 10.97 -15.73 6.18
C LEU A 124 10.42 -15.54 7.60
N ALA A 125 10.47 -14.30 8.11
CA ALA A 125 9.94 -14.02 9.44
C ALA A 125 8.45 -14.29 9.50
N GLU A 126 7.77 -14.03 8.37
CA GLU A 126 6.33 -14.30 8.24
C GLU A 126 5.95 -15.77 8.33
N SER A 127 6.68 -16.61 7.58
CA SER A 127 6.57 -18.07 7.64
C SER A 127 6.79 -18.67 9.05
N ILE A 128 7.90 -18.34 9.72
CA ILE A 128 8.15 -18.76 11.10
C ILE A 128 7.06 -18.35 12.07
N THR A 129 6.64 -17.09 12.03
CA THR A 129 5.48 -16.68 12.82
C THR A 129 4.24 -17.47 12.49
N ASP A 130 3.93 -17.66 11.21
CA ASP A 130 2.70 -18.39 10.84
C ASP A 130 2.73 -19.81 11.45
N VAL A 131 3.86 -20.51 11.32
CA VAL A 131 4.02 -21.88 11.83
C VAL A 131 3.99 -21.92 13.37
N LEU A 132 4.69 -20.99 14.01
CA LEU A 132 4.71 -20.92 15.46
C LEU A 132 3.31 -20.81 16.04
N VAL A 133 2.53 -19.86 15.53
CA VAL A 133 1.22 -19.54 16.09
C VAL A 133 0.23 -20.63 15.72
N ARG A 134 0.32 -21.14 14.50
CA ARG A 134 -0.61 -22.16 14.00
C ARG A 134 -0.35 -23.58 14.55
N THR A 135 0.91 -23.93 14.81
CA THR A 135 1.20 -25.22 15.46
C THR A 135 1.10 -25.23 17.02
N LYS A 136 1.50 -24.13 17.67
CA LYS A 136 1.66 -24.11 19.14
C LYS A 136 0.71 -23.19 19.91
N ARG A 137 -0.38 -22.78 19.24
CA ARG A 137 -1.31 -21.77 19.77
C ARG A 137 -1.86 -22.10 21.15
N ASP A 138 -2.45 -23.30 21.30
CA ASP A 138 -2.99 -23.72 22.59
C ASP A 138 -1.96 -23.58 23.67
N TRP A 139 -0.75 -24.07 23.40
CA TRP A 139 0.34 -24.11 24.37
C TRP A 139 0.80 -22.69 24.75
N LEU A 140 1.11 -21.86 23.75
CA LEU A 140 1.42 -20.43 23.96
C LEU A 140 0.33 -19.70 24.80
N VAL A 141 -0.95 -19.94 24.49
CA VAL A 141 -2.05 -19.30 25.23
C VAL A 141 -2.04 -19.72 26.70
N LYS A 142 -1.86 -21.02 26.98
CA LYS A 142 -1.67 -21.52 28.34
C LYS A 142 -0.45 -20.94 29.06
N GLN A 143 0.66 -20.89 28.34
CA GLN A 143 1.91 -20.33 28.86
C GLN A 143 1.94 -18.81 28.91
N ARG A 144 0.84 -18.16 28.55
CA ARG A 144 0.71 -16.70 28.58
C ARG A 144 1.66 -15.98 27.61
N GLY A 145 1.99 -16.66 26.51
CA GLY A 145 2.62 -16.05 25.37
C GLY A 145 3.97 -15.45 25.68
N TRP A 146 4.20 -14.24 25.21
CA TRP A 146 5.55 -13.65 25.31
C TRP A 146 5.96 -13.26 26.73
N ASP A 147 4.99 -13.01 27.59
CA ASP A 147 5.29 -12.73 28.99
C ASP A 147 5.84 -14.00 29.66
N GLY A 148 5.16 -15.12 29.39
CA GLY A 148 5.69 -16.42 29.79
C GLY A 148 7.10 -16.70 29.28
N PHE A 149 7.34 -16.40 28.00
CA PHE A 149 8.66 -16.49 27.38
C PHE A 149 9.70 -15.67 28.10
N VAL A 150 9.39 -14.39 28.38
CA VAL A 150 10.33 -13.49 29.06
C VAL A 150 10.63 -13.92 30.49
N GLU A 151 9.59 -14.35 31.20
CA GLU A 151 9.78 -14.88 32.55
C GLU A 151 10.65 -16.15 32.61
N PHE A 152 10.53 -17.02 31.60
CA PHE A 152 11.24 -18.32 31.58
C PHE A 152 12.76 -18.13 31.47
N PHE A 153 13.19 -17.13 30.70
CA PHE A 153 14.61 -16.87 30.56
C PHE A 153 15.05 -15.61 31.33
N HIS A 154 14.33 -15.28 32.39
CA HIS A 154 14.66 -14.09 33.22
C HIS A 154 16.07 -14.14 33.80
N VAL A 155 16.79 -13.02 33.63
CA VAL A 155 18.13 -12.79 34.18
C VAL A 155 19.08 -13.98 34.06
N ASP B 6 6.08 9.04 -13.36
CA ASP B 6 6.27 7.80 -12.55
C ASP B 6 5.20 6.76 -12.93
N GLU B 7 5.64 5.76 -13.69
CA GLU B 7 4.74 4.80 -14.36
C GLU B 7 3.92 3.95 -13.38
N LEU B 8 4.58 3.45 -12.34
CA LEU B 8 3.95 2.64 -11.31
C LEU B 8 2.84 3.43 -10.62
N TYR B 9 3.12 4.69 -10.30
CA TYR B 9 2.12 5.57 -9.71
C TYR B 9 0.95 5.77 -10.66
N ARG B 10 1.28 6.08 -11.92
CA ARG B 10 0.29 6.36 -12.92
C ARG B 10 -0.66 5.17 -13.08
N GLN B 11 -0.09 3.97 -13.21
CA GLN B 11 -0.87 2.74 -13.41
C GLN B 11 -1.68 2.39 -12.14
N SER B 12 -1.05 2.50 -10.99
CA SER B 12 -1.72 2.26 -9.71
C SER B 12 -2.95 3.17 -9.55
N LEU B 13 -2.77 4.45 -9.88
CA LEU B 13 -3.85 5.43 -9.80
C LEU B 13 -5.04 5.04 -10.70
N GLU B 14 -4.74 4.56 -11.90
CA GLU B 14 -5.78 4.22 -12.88
C GLU B 14 -6.64 3.05 -12.43
N ILE B 15 -6.01 2.07 -11.78
CA ILE B 15 -6.73 0.89 -11.27
C ILE B 15 -7.55 1.24 -10.00
N ILE B 16 -6.88 1.89 -9.08
CA ILE B 16 -7.49 2.27 -7.79
C ILE B 16 -8.65 3.27 -7.90
N SER B 17 -8.50 4.31 -8.70
CA SER B 17 -9.60 5.28 -8.88
C SER B 17 -10.83 4.60 -9.47
N ARG B 18 -10.63 3.79 -10.52
CA ARG B 18 -11.72 3.03 -11.13
C ARG B 18 -12.34 2.05 -10.13
N TYR B 19 -11.53 1.40 -9.31
CA TYR B 19 -12.13 0.47 -8.32
C TYR B 19 -13.01 1.18 -7.27
N LEU B 20 -12.47 2.24 -6.67
CA LEU B 20 -13.19 3.08 -5.70
C LEU B 20 -14.47 3.70 -6.31
N ARG B 21 -14.33 4.26 -7.52
CA ARG B 21 -15.46 4.85 -8.20
C ARG B 21 -16.55 3.79 -8.39
N GLU B 22 -16.24 2.65 -9.02
CA GLU B 22 -17.30 1.65 -9.23
C GLU B 22 -17.92 1.06 -7.95
N GLN B 23 -17.11 0.90 -6.91
CA GLN B 23 -17.63 0.38 -5.62
C GLN B 23 -18.67 1.37 -5.06
N ALA B 24 -18.35 2.65 -5.17
CA ALA B 24 -19.20 3.74 -4.69
C ALA B 24 -20.50 3.82 -5.44
N THR B 25 -20.45 3.72 -6.78
CA THR B 25 -21.70 3.78 -7.59
C THR B 25 -22.33 2.44 -7.93
N GLY B 26 -21.53 1.38 -7.94
CA GLY B 26 -21.94 0.07 -8.46
C GLY B 26 -22.24 0.13 -9.96
N ALA B 27 -21.49 0.99 -10.65
CA ALA B 27 -21.57 1.15 -12.09
C ALA B 27 -20.22 0.73 -12.70
N LYS B 28 -20.24 -0.25 -13.60
CA LYS B 28 -19.01 -0.73 -14.22
C LYS B 28 -18.37 0.43 -14.97
N ASP B 29 -17.13 0.70 -14.64
CA ASP B 29 -16.45 1.86 -15.19
C ASP B 29 -16.41 1.78 -16.72
N THR B 30 -16.53 2.95 -17.36
CA THR B 30 -16.54 3.08 -18.81
C THR B 30 -15.65 4.24 -19.28
N LYS B 31 -14.86 4.82 -18.37
CA LYS B 31 -13.83 5.75 -18.77
C LYS B 31 -12.69 4.93 -19.42
N PRO B 32 -12.33 5.25 -20.68
CA PRO B 32 -11.15 4.69 -21.33
C PRO B 32 -9.86 5.18 -20.68
N MET B 33 -8.85 4.33 -20.69
CA MET B 33 -7.50 4.72 -20.32
C MET B 33 -6.91 5.48 -21.51
N GLY B 34 -5.68 5.96 -21.35
CA GLY B 34 -4.96 6.60 -22.46
C GLY B 34 -4.74 5.68 -23.65
N ARG B 35 -4.56 4.39 -23.37
CA ARG B 35 -4.35 3.32 -24.37
C ARG B 35 -4.57 1.93 -23.75
N SER B 36 -4.25 0.90 -24.52
CA SER B 36 -4.36 -0.49 -24.02
C SER B 36 -3.49 -0.70 -22.78
N GLY B 37 -4.03 -1.45 -21.83
CA GLY B 37 -3.28 -1.86 -20.68
C GLY B 37 -3.93 -3.10 -20.11
N ALA B 38 -3.62 -4.25 -20.69
CA ALA B 38 -4.23 -5.53 -20.35
C ALA B 38 -4.09 -5.89 -18.86
N THR B 39 -2.92 -5.62 -18.30
CA THR B 39 -2.62 -5.92 -16.89
C THR B 39 -3.46 -5.09 -15.94
N SER B 40 -3.56 -3.79 -16.22
CA SER B 40 -4.50 -2.89 -15.51
C SER B 40 -5.95 -3.42 -15.45
N ARG B 41 -6.46 -3.81 -16.62
CA ARG B 41 -7.82 -4.34 -16.76
C ARG B 41 -7.97 -5.68 -16.04
N LYS B 42 -6.91 -6.48 -16.06
CA LYS B 42 -6.86 -7.73 -15.30
C LYS B 42 -6.81 -7.48 -13.79
N ALA B 43 -6.00 -6.50 -13.39
CA ALA B 43 -5.87 -6.09 -12.00
C ALA B 43 -7.21 -5.63 -11.45
N LEU B 44 -7.91 -4.81 -12.23
CA LEU B 44 -9.22 -4.31 -11.83
C LEU B 44 -10.21 -5.45 -11.70
N GLU B 45 -10.13 -6.41 -12.63
CA GLU B 45 -10.94 -7.64 -12.62
C GLU B 45 -10.73 -8.44 -11.33
N THR B 46 -9.46 -8.59 -10.94
CA THR B 46 -9.08 -9.26 -9.68
C THR B 46 -9.69 -8.53 -8.46
N LEU B 47 -9.35 -7.24 -8.28
CA LEU B 47 -9.90 -6.46 -7.17
C LEU B 47 -11.40 -6.67 -7.05
N ARG B 48 -12.10 -6.59 -8.17
CA ARG B 48 -13.54 -6.81 -8.22
C ARG B 48 -13.96 -8.15 -7.64
N ARG B 49 -13.31 -9.22 -8.07
CA ARG B 49 -13.69 -10.56 -7.64
C ARG B 49 -13.32 -10.83 -6.17
N VAL B 50 -12.24 -10.19 -5.70
CA VAL B 50 -11.64 -10.46 -4.40
C VAL B 50 -11.95 -9.40 -3.31
N GLY B 51 -12.26 -8.18 -3.72
CA GLY B 51 -12.29 -7.05 -2.78
C GLY B 51 -13.41 -7.08 -1.76
N ASP B 52 -14.54 -7.66 -2.18
CA ASP B 52 -15.78 -7.70 -1.41
C ASP B 52 -15.83 -8.76 -0.31
N GLY B 53 -15.05 -9.83 -0.49
CA GLY B 53 -14.87 -10.82 0.55
C GLY B 53 -14.04 -10.23 1.65
N VAL B 54 -12.99 -9.51 1.26
CA VAL B 54 -12.14 -8.85 2.22
C VAL B 54 -12.93 -7.83 3.07
N GLN B 55 -13.66 -6.92 2.41
CA GLN B 55 -14.62 -6.02 3.06
C GLN B 55 -15.62 -6.75 3.97
N ARG B 56 -16.08 -7.92 3.54
CA ARG B 56 -17.05 -8.69 4.32
C ARG B 56 -16.41 -9.42 5.51
N ASN B 57 -15.24 -10.00 5.28
CA ASN B 57 -14.47 -10.62 6.38
C ASN B 57 -13.98 -9.58 7.38
N HIS B 58 -13.95 -8.31 6.96
CA HIS B 58 -13.46 -7.24 7.83
C HIS B 58 -14.44 -6.09 8.10
N GLU B 59 -15.73 -6.33 7.92
CA GLU B 59 -16.79 -5.37 8.28
C GLU B 59 -16.61 -4.69 9.65
N THR B 60 -16.45 -5.48 10.72
CA THR B 60 -16.37 -4.96 12.10
C THR B 60 -15.17 -4.01 12.28
N ALA B 61 -13.98 -4.44 11.83
CA ALA B 61 -12.76 -3.65 11.93
C ALA B 61 -12.78 -2.39 11.08
N PHE B 62 -13.39 -2.51 9.89
CA PHE B 62 -13.54 -1.42 8.92
C PHE B 62 -14.50 -0.39 9.47
N GLN B 63 -15.62 -0.86 9.99
CA GLN B 63 -16.60 0.05 10.53
C GLN B 63 -16.00 0.78 11.72
N GLY B 64 -15.25 0.05 12.56
CA GLY B 64 -14.56 0.63 13.71
C GLY B 64 -13.54 1.69 13.28
N MET B 65 -12.73 1.36 12.27
CA MET B 65 -11.80 2.36 11.72
C MET B 65 -12.56 3.57 11.17
N LEU B 66 -13.60 3.34 10.39
CA LEU B 66 -14.33 4.44 9.81
C LEU B 66 -14.86 5.35 10.91
N ARG B 67 -15.35 4.73 11.99
CA ARG B 67 -15.88 5.41 13.17
C ARG B 67 -14.88 6.41 13.70
N LYS B 68 -13.64 5.95 13.87
CA LYS B 68 -12.56 6.75 14.43
C LYS B 68 -12.12 7.85 13.47
N LEU B 69 -12.24 7.57 12.18
CA LEU B 69 -11.87 8.52 11.13
C LEU B 69 -12.69 9.81 11.11
N ASP B 70 -14.00 9.71 11.37
CA ASP B 70 -14.90 10.89 11.35
C ASP B 70 -14.74 11.71 10.04
N ILE B 71 -14.98 11.04 8.91
CA ILE B 71 -14.89 11.67 7.58
C ILE B 71 -16.21 12.29 7.12
N LYS B 72 -16.21 13.62 6.97
CA LYS B 72 -17.40 14.39 6.55
C LYS B 72 -17.19 15.29 5.32
N ASN B 73 -15.95 15.63 4.99
CA ASN B 73 -15.70 16.57 3.90
C ASN B 73 -14.54 16.28 2.96
N GLU B 74 -14.25 17.27 2.12
CA GLU B 74 -13.08 17.31 1.26
C GLU B 74 -11.77 17.26 2.06
N ASP B 75 -11.69 18.07 3.11
CA ASP B 75 -10.46 18.20 3.89
C ASP B 75 -10.24 17.04 4.85
N ASP B 76 -11.31 16.33 5.19
CA ASP B 76 -11.18 15.14 6.03
C ASP B 76 -10.35 14.07 5.28
N VAL B 77 -10.71 13.85 4.01
CA VAL B 77 -9.95 12.95 3.12
C VAL B 77 -8.50 13.41 2.98
N LYS B 78 -8.30 14.72 2.89
CA LYS B 78 -6.98 15.36 2.72
C LYS B 78 -5.98 14.97 3.82
N SER B 79 -6.49 14.78 5.03
CA SER B 79 -5.65 14.56 6.19
C SER B 79 -5.56 13.09 6.65
N LEU B 80 -5.72 12.14 5.71
CA LEU B 80 -5.72 10.71 6.09
C LEU B 80 -4.35 10.08 5.93
N SER B 81 -3.44 10.80 5.25
CA SER B 81 -2.13 10.27 4.90
C SER B 81 -1.45 9.64 6.10
N ARG B 82 -1.46 10.36 7.21
CA ARG B 82 -0.69 9.99 8.39
C ARG B 82 -1.14 8.72 9.08
N VAL B 83 -2.43 8.59 9.30
CA VAL B 83 -3.00 7.39 9.88
C VAL B 83 -2.90 6.18 8.95
N MET B 84 -3.06 6.42 7.65
CA MET B 84 -2.91 5.39 6.65
C MET B 84 -1.54 4.79 6.73
N ILE B 85 -0.54 5.67 6.64
CA ILE B 85 0.88 5.31 6.78
C ILE B 85 1.18 4.50 8.05
N HIS B 86 0.84 5.05 9.20
CA HIS B 86 0.97 4.36 10.49
C HIS B 86 0.47 2.90 10.52
N VAL B 87 -0.77 2.67 10.08
CA VAL B 87 -1.36 1.32 10.12
C VAL B 87 -0.77 0.36 9.06
N PHE B 88 -0.50 0.90 7.87
CA PHE B 88 -0.02 0.13 6.71
C PHE B 88 1.41 -0.31 6.89
N SER B 89 2.24 0.51 7.55
CA SER B 89 3.68 0.24 7.60
C SER B 89 4.14 -0.65 8.76
N ASP B 90 3.16 -1.14 9.52
CA ASP B 90 3.26 -2.11 10.59
C ASP B 90 3.51 -3.53 10.04
N GLY B 91 4.01 -4.43 10.90
CA GLY B 91 4.19 -5.83 10.52
C GLY B 91 5.08 -5.99 9.30
N VAL B 92 4.59 -6.67 8.27
CA VAL B 92 5.37 -6.81 7.04
C VAL B 92 4.50 -6.49 5.82
N THR B 93 5.15 -6.23 4.69
CA THR B 93 4.44 -6.02 3.43
C THR B 93 4.03 -7.36 2.79
N ASN B 94 2.74 -7.48 2.45
CA ASN B 94 2.29 -8.58 1.58
C ASN B 94 1.06 -8.17 0.74
N TRP B 95 0.67 -9.00 -0.23
CA TRP B 95 -0.46 -8.64 -1.11
C TRP B 95 -1.82 -8.56 -0.42
N GLY B 96 -2.08 -9.47 0.53
CA GLY B 96 -3.34 -9.42 1.29
C GLY B 96 -3.56 -8.05 1.93
N ARG B 97 -2.51 -7.51 2.55
CA ARG B 97 -2.56 -6.17 3.13
C ARG B 97 -2.69 -5.03 2.11
N ILE B 98 -2.04 -5.18 0.96
CA ILE B 98 -2.24 -4.23 -0.13
C ILE B 98 -3.71 -4.25 -0.60
N VAL B 99 -4.32 -5.44 -0.63
CA VAL B 99 -5.75 -5.57 -0.91
C VAL B 99 -6.57 -4.93 0.21
N THR B 100 -6.17 -5.14 1.46
CA THR B 100 -6.89 -4.60 2.62
C THR B 100 -6.99 -3.06 2.52
N LEU B 101 -5.85 -2.45 2.27
CA LEU B 101 -5.74 -1.02 1.96
C LEU B 101 -6.75 -0.53 0.91
N ILE B 102 -6.80 -1.19 -0.25
CA ILE B 102 -7.59 -0.70 -1.37
C ILE B 102 -9.07 -1.04 -1.13
N SER B 103 -9.31 -2.13 -0.43
CA SER B 103 -10.65 -2.53 -0.03
C SER B 103 -11.28 -1.57 0.99
N PHE B 104 -10.49 -1.16 1.97
CA PHE B 104 -10.97 -0.17 2.93
C PHE B 104 -11.14 1.16 2.22
N GLY B 105 -10.27 1.44 1.23
CA GLY B 105 -10.45 2.57 0.32
C GLY B 105 -11.85 2.58 -0.29
N ALA B 106 -12.28 1.45 -0.79
CA ALA B 106 -13.66 1.29 -1.33
C ALA B 106 -14.69 1.48 -0.25
N PHE B 107 -14.44 0.90 0.93
CA PHE B 107 -15.41 0.98 2.04
C PHE B 107 -15.73 2.45 2.36
N VAL B 108 -14.68 3.26 2.40
CA VAL B 108 -14.71 4.69 2.62
C VAL B 108 -15.26 5.51 1.44
N ALA B 109 -15.09 5.03 0.20
CA ALA B 109 -15.69 5.64 -1.04
C ALA B 109 -17.19 5.52 -0.99
N LYS B 110 -17.57 4.39 -0.46
CA LYS B 110 -18.98 4.13 -0.35
C LYS B 110 -19.57 5.06 0.75
N HIS B 111 -18.92 5.11 1.91
CA HIS B 111 -19.23 6.10 2.95
C HIS B 111 -19.32 7.55 2.37
N LEU B 112 -18.33 7.98 1.56
CA LEU B 112 -18.39 9.31 0.94
C LEU B 112 -19.59 9.52 0.03
N LYS B 113 -19.87 8.53 -0.80
CA LYS B 113 -21.14 8.51 -1.54
C LYS B 113 -22.38 8.68 -0.65
N THR B 114 -22.41 7.99 0.48
CA THR B 114 -23.54 8.03 1.41
C THR B 114 -23.80 9.42 2.01
N ILE B 115 -22.71 10.13 2.32
CA ILE B 115 -22.81 11.43 2.98
C ILE B 115 -22.76 12.59 1.97
N ASN B 116 -22.97 12.28 0.69
CA ASN B 116 -22.99 13.26 -0.41
C ASN B 116 -21.67 14.03 -0.59
N GLN B 117 -20.59 13.26 -0.58
CA GLN B 117 -19.23 13.75 -0.78
C GLN B 117 -18.55 12.87 -1.83
N GLU B 118 -19.30 12.59 -2.89
CA GLU B 118 -18.81 11.81 -4.04
C GLU B 118 -17.55 12.38 -4.67
N SER B 119 -17.35 13.68 -4.61
CA SER B 119 -16.22 14.31 -5.29
C SER B 119 -14.91 14.14 -4.54
N CYS B 120 -14.97 13.51 -3.37
CA CYS B 120 -13.80 13.30 -2.52
C CYS B 120 -13.16 11.97 -2.87
N ILE B 121 -13.89 11.19 -3.65
CA ILE B 121 -13.45 9.87 -4.08
C ILE B 121 -12.18 9.89 -4.90
N GLU B 122 -12.07 10.88 -5.80
CA GLU B 122 -10.87 11.03 -6.62
C GLU B 122 -9.63 11.38 -5.78
N PRO B 123 -9.75 12.37 -4.87
CA PRO B 123 -8.50 12.56 -4.10
C PRO B 123 -8.27 11.50 -3.01
N LEU B 124 -9.31 10.77 -2.60
CA LEU B 124 -9.08 9.65 -1.73
C LEU B 124 -8.27 8.59 -2.49
N ALA B 125 -8.61 8.36 -3.76
CA ALA B 125 -7.90 7.38 -4.62
C ALA B 125 -6.46 7.79 -4.75
N GLU B 126 -6.30 9.10 -4.84
CA GLU B 126 -4.98 9.74 -5.00
C GLU B 126 -4.02 9.58 -3.80
N SER B 127 -4.52 9.91 -2.60
CA SER B 127 -3.78 9.73 -1.34
C SER B 127 -3.34 8.27 -1.15
N ILE B 128 -4.26 7.35 -1.37
CA ILE B 128 -3.98 5.93 -1.24
C ILE B 128 -2.93 5.46 -2.22
N THR B 129 -3.03 5.88 -3.49
CA THR B 129 -2.04 5.55 -4.47
C THR B 129 -0.73 6.19 -4.03
N ASP B 130 -0.81 7.39 -3.49
CA ASP B 130 0.41 8.05 -2.95
C ASP B 130 1.07 7.26 -1.79
N VAL B 131 0.25 6.85 -0.82
CA VAL B 131 0.71 5.95 0.27
C VAL B 131 1.25 4.62 -0.28
N LEU B 132 0.45 3.92 -1.08
CA LEU B 132 0.92 2.64 -1.61
C LEU B 132 2.31 2.78 -2.19
N VAL B 133 2.48 3.76 -3.07
CA VAL B 133 3.66 3.81 -3.93
C VAL B 133 4.86 4.34 -3.17
N ARG B 134 4.71 5.45 -2.46
CA ARG B 134 5.85 6.01 -1.74
C ARG B 134 6.39 5.05 -0.68
N THR B 135 5.50 4.34 0.01
CA THR B 135 5.85 3.44 1.11
C THR B 135 6.25 2.00 0.70
N LYS B 136 5.68 1.47 -0.39
CA LYS B 136 6.01 0.11 -0.85
C LYS B 136 6.70 0.01 -2.21
N ARG B 137 7.34 1.09 -2.66
CA ARG B 137 8.00 1.10 -3.96
C ARG B 137 8.89 -0.12 -4.16
N ASP B 138 9.95 -0.24 -3.36
CA ASP B 138 10.93 -1.33 -3.48
C ASP B 138 10.28 -2.70 -3.60
N TRP B 139 9.37 -2.99 -2.67
CA TRP B 139 8.61 -4.24 -2.65
C TRP B 139 7.91 -4.45 -3.99
N LEU B 140 7.16 -3.44 -4.41
CA LEU B 140 6.29 -3.57 -5.58
C LEU B 140 7.07 -3.98 -6.84
N VAL B 141 8.20 -3.32 -7.07
CA VAL B 141 9.12 -3.61 -8.16
C VAL B 141 9.54 -5.09 -8.14
N LYS B 142 10.15 -5.50 -7.03
CA LYS B 142 10.63 -6.85 -6.87
C LYS B 142 9.50 -7.87 -7.05
N GLN B 143 8.24 -7.45 -6.82
CA GLN B 143 7.08 -8.34 -6.99
C GLN B 143 6.39 -8.19 -8.36
N ARG B 144 7.02 -7.41 -9.24
CA ARG B 144 6.58 -7.12 -10.62
C ARG B 144 5.28 -6.29 -10.76
N GLY B 145 5.08 -5.35 -9.82
CA GLY B 145 3.93 -4.45 -9.86
C GLY B 145 2.61 -5.19 -9.92
N TRP B 146 1.70 -4.71 -10.76
CA TRP B 146 0.37 -5.29 -10.88
C TRP B 146 0.28 -6.65 -11.59
N ASP B 147 1.32 -6.99 -12.35
CA ASP B 147 1.45 -8.33 -12.95
C ASP B 147 1.60 -9.39 -11.84
N GLY B 148 2.52 -9.14 -10.90
CA GLY B 148 2.62 -9.93 -9.67
C GLY B 148 1.32 -10.05 -8.89
N PHE B 149 0.57 -8.94 -8.81
CA PHE B 149 -0.74 -8.89 -8.17
C PHE B 149 -1.74 -9.86 -8.80
N VAL B 150 -1.88 -9.83 -10.13
CA VAL B 150 -2.80 -10.71 -10.85
C VAL B 150 -2.37 -12.19 -10.70
N GLU B 151 -1.09 -12.46 -10.92
CA GLU B 151 -0.59 -13.84 -10.77
C GLU B 151 -0.79 -14.38 -9.36
N PHE B 152 -0.64 -13.51 -8.36
CA PHE B 152 -0.82 -13.88 -6.96
C PHE B 152 -2.25 -14.36 -6.64
N PHE B 153 -3.26 -13.66 -7.14
CA PHE B 153 -4.65 -14.14 -6.97
C PHE B 153 -5.13 -14.78 -8.27
N HIS B 154 -4.38 -15.78 -8.76
CA HIS B 154 -4.66 -16.46 -10.04
C HIS B 154 -6.15 -16.83 -10.19
N VAL B 155 -6.63 -16.74 -11.42
CA VAL B 155 -8.05 -16.95 -11.79
C VAL B 155 -9.01 -17.20 -10.62
N ASP C 6 -16.19 20.84 30.79
CA ASP C 6 -16.00 20.02 32.02
C ASP C 6 -15.03 20.75 32.95
N GLU C 7 -15.06 20.37 34.23
CA GLU C 7 -13.92 20.62 35.11
C GLU C 7 -12.76 19.76 34.62
N LEU C 8 -13.11 18.58 34.10
CA LEU C 8 -12.20 17.60 33.52
C LEU C 8 -11.46 18.13 32.28
N TYR C 9 -12.21 18.62 31.31
CA TYR C 9 -11.60 19.21 30.11
C TYR C 9 -10.63 20.34 30.47
N ARG C 10 -11.18 21.35 31.15
CA ARG C 10 -10.46 22.56 31.54
C ARG C 10 -9.22 22.22 32.38
N GLN C 11 -9.40 21.43 33.44
CA GLN C 11 -8.24 20.99 34.27
C GLN C 11 -7.23 20.14 33.46
N SER C 12 -7.74 19.20 32.67
CA SER C 12 -6.88 18.38 31.81
C SER C 12 -6.02 19.23 30.87
N LEU C 13 -6.61 20.26 30.26
CA LEU C 13 -5.84 21.09 29.33
C LEU C 13 -4.76 21.89 30.05
N GLU C 14 -5.06 22.29 31.29
CA GLU C 14 -4.14 23.06 32.08
C GLU C 14 -2.90 22.24 32.44
N ILE C 15 -3.09 20.97 32.75
CA ILE C 15 -1.92 20.15 33.09
C ILE C 15 -1.07 19.92 31.84
N ILE C 16 -1.77 19.60 30.75
CA ILE C 16 -1.09 19.22 29.50
C ILE C 16 -0.39 20.42 28.85
N SER C 17 -1.09 21.56 28.75
CA SER C 17 -0.57 22.75 28.09
C SER C 17 0.71 23.28 28.72
N ARG C 18 0.80 23.21 30.04
CA ARG C 18 2.00 23.63 30.79
C ARG C 18 3.18 22.68 30.71
N TYR C 19 2.90 21.37 30.71
CA TYR C 19 3.93 20.37 30.55
C TYR C 19 4.53 20.55 29.17
N LEU C 20 3.67 20.60 28.15
CA LEU C 20 4.14 20.83 26.76
C LEU C 20 4.97 22.10 26.58
N ARG C 21 4.47 23.21 27.12
CA ARG C 21 5.11 24.52 26.99
C ARG C 21 6.40 24.57 27.78
N GLU C 22 6.39 23.91 28.95
CA GLU C 22 7.53 23.90 29.86
C GLU C 22 8.68 23.04 29.32
N GLN C 23 8.33 21.93 28.70
CA GLN C 23 9.29 21.06 28.03
C GLN C 23 9.84 21.71 26.77
N ALA C 24 8.95 22.33 26.00
CA ALA C 24 9.31 23.08 24.79
C ALA C 24 10.29 24.21 25.13
N THR C 25 9.84 25.16 25.96
CA THR C 25 10.65 26.34 26.30
C THR C 25 11.90 25.95 27.07
N GLY C 26 11.77 24.95 27.95
CA GLY C 26 12.86 24.56 28.85
C GLY C 26 12.84 25.31 30.17
N ALA C 27 11.66 25.74 30.61
CA ALA C 27 11.50 26.53 31.84
C ALA C 27 10.08 26.45 32.40
N LYS C 28 9.98 26.25 33.72
CA LYS C 28 8.72 26.19 34.45
C LYS C 28 7.98 27.52 34.40
N ASP C 29 6.67 27.47 34.10
CA ASP C 29 5.77 28.62 34.18
C ASP C 29 5.36 28.92 35.63
N THR C 30 5.50 30.20 36.01
CA THR C 30 5.38 30.65 37.39
C THR C 30 3.96 30.85 37.91
N GLY C 37 -4.97 24.71 41.00
CA GLY C 37 -5.22 23.43 41.67
C GLY C 37 -3.98 22.84 42.30
N ALA C 38 -4.07 22.50 43.59
CA ALA C 38 -3.00 21.73 44.25
C ALA C 38 -2.79 20.40 43.53
N THR C 39 -3.89 19.80 43.07
CA THR C 39 -3.91 18.57 42.30
C THR C 39 -3.17 18.77 40.97
N SER C 40 -3.40 19.93 40.36
CA SER C 40 -2.82 20.30 39.06
C SER C 40 -1.30 20.42 39.16
N ARG C 41 -0.83 21.01 40.25
CA ARG C 41 0.61 21.12 40.49
C ARG C 41 1.22 19.74 40.74
N LYS C 42 0.55 18.92 41.56
CA LYS C 42 0.99 17.54 41.83
C LYS C 42 0.96 16.61 40.61
N ALA C 43 -0.08 16.71 39.78
CA ALA C 43 -0.16 15.93 38.52
C ALA C 43 0.92 16.36 37.52
N LEU C 44 1.17 17.66 37.45
CA LEU C 44 2.27 18.21 36.66
C LEU C 44 3.64 17.74 37.17
N GLU C 45 3.83 17.75 38.49
CA GLU C 45 5.06 17.29 39.14
C GLU C 45 5.38 15.85 38.78
N THR C 46 4.32 15.05 38.69
CA THR C 46 4.40 13.64 38.34
C THR C 46 4.86 13.48 36.87
N LEU C 47 4.31 14.30 35.97
CA LEU C 47 4.67 14.21 34.56
C LEU C 47 6.16 14.47 34.30
N ARG C 48 6.72 15.47 34.97
CA ARG C 48 8.18 15.68 34.92
C ARG C 48 8.91 14.40 35.27
N ARG C 49 8.67 13.85 36.46
CA ARG C 49 9.43 12.68 36.87
C ARG C 49 9.15 11.46 35.99
N VAL C 50 7.88 11.17 35.75
CA VAL C 50 7.47 10.01 34.95
C VAL C 50 7.56 10.29 33.44
N GLY C 51 7.05 11.43 33.00
CA GLY C 51 7.08 11.84 31.59
C GLY C 51 8.51 11.91 31.04
N ASP C 52 9.38 12.63 31.74
CA ASP C 52 10.79 12.72 31.37
C ASP C 52 11.38 11.32 31.27
N GLY C 53 11.02 10.48 32.24
CA GLY C 53 11.38 9.07 32.19
C GLY C 53 10.86 8.40 30.93
N VAL C 54 9.56 8.57 30.67
CA VAL C 54 8.94 7.97 29.50
C VAL C 54 9.65 8.37 28.21
N GLN C 55 9.98 9.65 28.06
CA GLN C 55 10.68 10.14 26.87
C GLN C 55 12.07 9.55 26.66
N ARG C 56 12.82 9.37 27.75
CA ARG C 56 14.18 8.83 27.73
C ARG C 56 14.12 7.35 27.31
N ASN C 57 13.25 6.58 27.97
CA ASN C 57 13.01 5.19 27.61
C ASN C 57 12.58 4.97 26.16
N HIS C 58 11.68 5.80 25.64
CA HIS C 58 11.24 5.63 24.24
C HIS C 58 11.92 6.58 23.24
N GLU C 59 13.10 7.07 23.58
CA GLU C 59 13.87 7.93 22.67
C GLU C 59 13.84 7.50 21.18
N THR C 60 14.43 6.34 20.88
CA THR C 60 14.52 5.78 19.51
C THR C 60 13.20 5.69 18.77
N ALA C 61 12.23 5.06 19.43
CA ALA C 61 10.89 4.86 18.91
C ALA C 61 10.16 6.17 18.72
N PHE C 62 10.35 7.11 19.67
CA PHE C 62 9.69 8.42 19.61
C PHE C 62 10.29 9.20 18.45
N GLN C 63 11.62 9.14 18.34
CA GLN C 63 12.32 9.87 17.32
C GLN C 63 11.97 9.38 15.94
N GLY C 64 11.85 8.06 15.81
CA GLY C 64 11.52 7.40 14.55
C GLY C 64 10.06 7.57 14.15
N MET C 65 9.16 7.62 15.13
CA MET C 65 7.75 7.86 14.82
C MET C 65 7.49 9.31 14.43
N LEU C 66 8.12 10.24 15.15
CA LEU C 66 8.10 11.66 14.78
C LEU C 66 8.55 11.87 13.33
N ARG C 67 9.58 11.12 12.89
CA ARG C 67 10.04 11.08 11.49
C ARG C 67 8.94 10.65 10.50
N LYS C 68 8.29 9.52 10.79
CA LYS C 68 7.16 8.99 10.01
C LYS C 68 5.99 9.97 9.93
N LEU C 69 5.85 10.79 10.97
CA LEU C 69 4.82 11.82 11.04
C LEU C 69 5.20 13.12 10.28
N ASP C 70 6.50 13.40 10.11
CA ASP C 70 6.93 14.50 9.20
C ASP C 70 5.97 15.70 9.32
N ILE C 71 6.00 16.29 10.51
CA ILE C 71 5.24 17.47 10.85
C ILE C 71 6.01 18.75 10.48
N LYS C 72 5.33 19.69 9.81
CA LYS C 72 6.02 20.94 9.38
C LYS C 72 5.29 22.25 9.76
N ASN C 73 3.96 22.19 9.78
CA ASN C 73 3.10 23.34 10.04
C ASN C 73 1.88 22.90 10.84
N GLU C 74 1.05 23.84 11.30
CA GLU C 74 -0.14 23.50 12.12
C GLU C 74 -1.27 22.77 11.37
N ASP C 75 -1.15 22.69 10.05
CA ASP C 75 -2.08 21.90 9.23
C ASP C 75 -1.82 20.39 9.44
N ASP C 76 -0.55 20.00 9.43
CA ASP C 76 -0.16 18.63 9.81
C ASP C 76 -0.59 18.33 11.25
N VAL C 77 -0.33 19.29 12.14
CA VAL C 77 -0.70 19.20 13.56
C VAL C 77 -2.19 18.94 13.72
N LYS C 78 -3.00 19.65 12.93
CA LYS C 78 -4.45 19.44 12.89
C LYS C 78 -4.82 18.06 12.37
N SER C 79 -3.93 17.45 11.59
CA SER C 79 -4.14 16.11 11.07
C SER C 79 -3.49 15.02 11.94
N LEU C 80 -3.01 15.40 13.12
CA LEU C 80 -2.53 14.44 14.11
C LEU C 80 -3.66 13.72 14.84
N SER C 81 -4.73 14.45 15.13
CA SER C 81 -5.89 13.89 15.84
C SER C 81 -6.19 12.46 15.43
N ARG C 82 -6.04 12.15 14.14
CA ARG C 82 -6.53 10.88 13.60
C ARG C 82 -5.62 9.68 13.90
N VAL C 83 -4.32 9.90 13.93
CA VAL C 83 -3.39 8.85 14.35
C VAL C 83 -3.42 8.69 15.87
N MET C 84 -3.55 9.84 16.55
CA MET C 84 -3.61 9.89 17.97
C MET C 84 -4.75 9.04 18.47
N ILE C 85 -5.94 9.31 17.93
CA ILE C 85 -7.15 8.58 18.29
C ILE C 85 -6.89 7.10 18.02
N HIS C 86 -6.33 6.79 16.86
CA HIS C 86 -6.13 5.39 16.52
C HIS C 86 -5.23 4.66 17.53
N VAL C 87 -4.04 5.20 17.78
CA VAL C 87 -3.08 4.55 18.66
C VAL C 87 -3.61 4.49 20.13
N PHE C 88 -4.05 5.64 20.67
CA PHE C 88 -4.56 5.74 22.05
C PHE C 88 -5.82 4.89 22.33
N SER C 89 -6.76 4.89 21.39
CA SER C 89 -7.96 4.09 21.54
C SER C 89 -7.68 2.60 21.26
N ASP C 90 -6.43 2.30 20.94
CA ASP C 90 -6.05 0.89 20.81
C ASP C 90 -5.66 0.22 22.14
N GLY C 91 -6.45 -0.76 22.56
CA GLY C 91 -6.11 -1.62 23.68
C GLY C 91 -6.49 -1.07 25.04
N VAL C 92 -5.59 -1.26 26.00
CA VAL C 92 -5.94 -1.03 27.41
C VAL C 92 -6.03 0.45 27.83
N THR C 93 -6.88 0.69 28.81
CA THR C 93 -7.15 2.02 29.35
C THR C 93 -6.51 2.04 30.74
N ASN C 94 -5.49 2.87 30.92
CA ASN C 94 -4.85 3.11 32.23
C ASN C 94 -4.01 4.37 32.22
N TRP C 95 -3.61 4.84 33.41
CA TRP C 95 -2.84 6.10 33.53
C TRP C 95 -1.52 6.09 32.78
N GLY C 96 -0.86 4.94 32.74
CA GLY C 96 0.46 4.84 32.11
C GLY C 96 0.44 5.20 30.63
N ARG C 97 -0.67 4.88 29.98
CA ARG C 97 -0.86 5.16 28.57
C ARG C 97 -1.36 6.59 28.30
N ILE C 98 -1.98 7.22 29.32
CA ILE C 98 -2.32 8.65 29.29
C ILE C 98 -1.01 9.45 29.43
N VAL C 99 -0.12 9.02 30.33
CA VAL C 99 1.23 9.63 30.44
C VAL C 99 2.02 9.53 29.12
N THR C 100 1.95 8.38 28.44
CA THR C 100 2.64 8.19 27.15
C THR C 100 2.13 9.18 26.10
N LEU C 101 0.79 9.34 26.04
CA LEU C 101 0.11 10.29 25.18
C LEU C 101 0.65 11.72 25.38
N ILE C 102 0.72 12.14 26.63
CA ILE C 102 1.19 13.48 26.99
C ILE C 102 2.71 13.56 26.88
N SER C 103 3.40 12.43 27.04
CA SER C 103 4.87 12.44 26.95
C SER C 103 5.27 12.58 25.48
N PHE C 104 4.49 11.97 24.60
CA PHE C 104 4.72 12.17 23.17
C PHE C 104 4.26 13.55 22.69
N GLY C 105 3.32 14.17 23.41
CA GLY C 105 2.98 15.59 23.20
C GLY C 105 4.14 16.53 23.43
N ALA C 106 4.77 16.46 24.61
CA ALA C 106 6.01 17.22 24.89
C ALA C 106 7.04 17.02 23.77
N PHE C 107 7.36 15.76 23.46
CA PHE C 107 8.37 15.44 22.45
C PHE C 107 8.06 16.13 21.11
N VAL C 108 6.82 16.06 20.63
CA VAL C 108 6.40 16.85 19.48
C VAL C 108 6.54 18.38 19.67
N ALA C 109 6.32 18.92 20.88
CA ALA C 109 6.30 20.40 21.10
C ALA C 109 7.68 20.92 20.96
N LYS C 110 8.60 20.15 21.53
CA LYS C 110 10.01 20.42 21.47
C LYS C 110 10.37 20.49 19.99
N HIS C 111 9.95 19.49 19.21
CA HIS C 111 10.17 19.47 17.75
C HIS C 111 9.65 20.73 17.05
N LEU C 112 8.38 21.05 17.29
CA LEU C 112 7.72 22.24 16.75
C LEU C 112 8.51 23.51 17.00
N LYS C 113 9.04 23.59 18.21
CA LYS C 113 9.92 24.69 18.59
C LYS C 113 11.15 24.74 17.71
N THR C 114 11.85 23.63 17.59
CA THR C 114 13.09 23.56 16.82
C THR C 114 12.94 24.04 15.38
N ILE C 115 11.73 23.92 14.84
CA ILE C 115 11.43 24.35 13.46
C ILE C 115 10.58 25.62 13.45
N ASN C 116 10.66 26.37 14.54
CA ASN C 116 10.03 27.69 14.69
C ASN C 116 8.53 27.70 14.54
N GLN C 117 7.90 26.63 14.98
CA GLN C 117 6.48 26.50 14.89
C GLN C 117 5.84 26.54 16.28
N GLU C 118 6.48 27.24 17.21
CA GLU C 118 5.94 27.43 18.58
C GLU C 118 4.42 27.71 18.59
N SER C 119 3.95 28.42 17.56
CA SER C 119 2.52 28.69 17.30
C SER C 119 1.57 27.48 17.25
N CYS C 120 2.16 26.29 17.16
CA CYS C 120 1.39 25.05 17.03
C CYS C 120 1.25 24.30 18.35
N ILE C 121 2.04 24.69 19.36
CA ILE C 121 2.04 24.02 20.67
C ILE C 121 0.70 23.99 21.39
N GLU C 122 0.01 25.13 21.45
CA GLU C 122 -1.30 25.22 22.09
C GLU C 122 -2.39 24.44 21.32
N PRO C 123 -2.42 24.55 19.97
CA PRO C 123 -3.36 23.62 19.32
C PRO C 123 -3.01 22.13 19.43
N LEU C 124 -1.72 21.79 19.54
CA LEU C 124 -1.37 20.41 19.84
C LEU C 124 -1.98 19.94 21.18
N ALA C 125 -1.78 20.76 22.23
CA ALA C 125 -2.32 20.51 23.59
C ALA C 125 -3.81 20.34 23.53
N GLU C 126 -4.48 21.24 22.84
CA GLU C 126 -5.92 21.16 22.72
C GLU C 126 -6.33 19.88 22.03
N SER C 127 -5.63 19.51 20.96
CA SER C 127 -5.92 18.26 20.25
C SER C 127 -5.74 16.99 21.12
N ILE C 128 -4.65 16.95 21.88
CA ILE C 128 -4.37 15.88 22.88
C ILE C 128 -5.45 15.83 23.95
N THR C 129 -5.77 17.00 24.50
CA THR C 129 -6.80 17.11 25.54
C THR C 129 -8.16 16.69 25.00
N ASP C 130 -8.50 17.12 23.79
CA ASP C 130 -9.76 16.68 23.18
C ASP C 130 -9.81 15.17 22.96
N VAL C 131 -8.69 14.58 22.53
CA VAL C 131 -8.63 13.12 22.38
C VAL C 131 -8.80 12.42 23.75
N LEU C 132 -8.02 12.84 24.76
CA LEU C 132 -8.10 12.26 26.13
C LEU C 132 -9.54 12.17 26.66
N VAL C 133 -10.20 13.31 26.81
CA VAL C 133 -11.50 13.40 27.49
C VAL C 133 -12.63 12.80 26.61
N ARG C 134 -12.50 12.94 25.29
CA ARG C 134 -13.53 12.41 24.38
C ARG C 134 -13.57 10.88 24.39
N THR C 135 -12.40 10.24 24.40
CA THR C 135 -12.34 8.77 24.41
C THR C 135 -12.38 8.14 25.82
N LYS C 136 -12.12 8.92 26.86
CA LYS C 136 -11.93 8.32 28.19
C LYS C 136 -12.67 9.06 29.34
N ARG C 137 -13.70 9.82 28.98
CA ARG C 137 -14.44 10.64 29.95
C ARG C 137 -14.94 9.83 31.16
N ASP C 138 -15.71 8.77 30.90
CA ASP C 138 -16.30 7.92 31.93
C ASP C 138 -15.25 7.26 32.83
N TRP C 139 -14.20 6.73 32.21
CA TRP C 139 -13.13 6.13 32.98
C TRP C 139 -12.54 7.20 33.90
N LEU C 140 -12.21 8.36 33.31
CA LEU C 140 -11.59 9.47 34.05
C LEU C 140 -12.41 9.94 35.27
N VAL C 141 -13.74 9.87 35.15
CA VAL C 141 -14.63 10.35 36.19
C VAL C 141 -14.73 9.28 37.28
N LYS C 142 -14.72 8.03 36.86
CA LYS C 142 -14.68 6.89 37.79
C LYS C 142 -13.36 6.77 38.56
N GLN C 143 -12.30 7.35 38.02
CA GLN C 143 -11.01 7.54 38.71
C GLN C 143 -10.91 8.81 39.59
N ARG C 144 -11.95 9.66 39.55
CA ARG C 144 -11.95 10.99 40.17
C ARG C 144 -10.95 11.95 39.47
N GLY C 145 -10.88 11.87 38.14
CA GLY C 145 -10.00 12.72 37.34
C GLY C 145 -8.55 12.69 37.80
N TRP C 146 -7.95 13.87 37.84
CA TRP C 146 -6.52 13.99 38.16
C TRP C 146 -6.17 13.74 39.63
N ASP C 147 -7.17 13.86 40.52
CA ASP C 147 -7.04 13.45 41.91
C ASP C 147 -6.65 11.97 42.03
N GLY C 148 -7.27 11.13 41.21
CA GLY C 148 -7.04 9.69 41.21
C GLY C 148 -5.67 9.36 40.67
N PHE C 149 -5.18 10.20 39.77
CA PHE C 149 -3.85 10.04 39.21
C PHE C 149 -2.82 10.35 40.29
N VAL C 150 -3.06 11.41 41.04
CA VAL C 150 -2.08 11.87 42.03
C VAL C 150 -1.97 10.93 43.24
N GLU C 151 -3.12 10.55 43.79
CA GLU C 151 -3.19 9.52 44.86
C GLU C 151 -2.28 8.29 44.61
N PHE C 152 -2.23 7.82 43.36
CA PHE C 152 -1.45 6.61 43.03
C PHE C 152 0.01 6.90 42.67
N PHE C 153 0.24 7.90 41.81
CA PHE C 153 1.53 8.05 41.12
C PHE C 153 2.46 9.14 41.65
N HIS C 154 1.92 10.06 42.47
CA HIS C 154 2.68 11.23 42.91
C HIS C 154 3.69 10.95 44.03
N VAL C 155 4.83 11.66 43.95
CA VAL C 155 5.90 11.66 44.95
C VAL C 155 7.04 10.70 44.61
N ASP D 6 9.91 5.76 -51.86
CA ASP D 6 9.43 5.02 -50.64
C ASP D 6 8.32 4.02 -50.98
N GLU D 7 8.66 2.74 -50.90
CA GLU D 7 7.77 1.62 -51.25
C GLU D 7 6.97 1.12 -50.05
N LEU D 8 7.62 1.14 -48.88
CA LEU D 8 6.99 0.76 -47.61
C LEU D 8 5.75 1.63 -47.30
N TYR D 9 5.86 2.94 -47.51
CA TYR D 9 4.74 3.86 -47.32
C TYR D 9 3.55 3.47 -48.20
N ARG D 10 3.87 3.21 -49.46
CA ARG D 10 2.87 3.07 -50.50
C ARG D 10 2.10 1.78 -50.31
N GLN D 11 2.82 0.70 -49.98
CA GLN D 11 2.20 -0.60 -49.64
C GLN D 11 1.30 -0.50 -48.41
N SER D 12 1.83 0.11 -47.35
CA SER D 12 1.11 0.24 -46.08
C SER D 12 -0.14 1.09 -46.28
N LEU D 13 -0.02 2.11 -47.11
CA LEU D 13 -1.14 2.99 -47.46
C LEU D 13 -2.18 2.15 -48.17
N GLU D 14 -1.71 1.38 -49.16
CA GLU D 14 -2.59 0.57 -49.98
C GLU D 14 -3.37 -0.43 -49.12
N ILE D 15 -2.67 -1.11 -48.23
CA ILE D 15 -3.25 -2.04 -47.23
C ILE D 15 -4.20 -1.30 -46.27
N ILE D 16 -3.73 -0.21 -45.66
CA ILE D 16 -4.54 0.48 -44.65
C ILE D 16 -5.82 1.07 -45.28
N SER D 17 -5.67 1.63 -46.49
CA SER D 17 -6.79 2.27 -47.18
C SER D 17 -7.89 1.29 -47.59
N ARG D 18 -7.52 0.14 -48.12
CA ARG D 18 -8.53 -0.84 -48.56
C ARG D 18 -9.26 -1.48 -47.38
N TYR D 19 -8.54 -1.74 -46.29
CA TYR D 19 -9.22 -2.26 -45.08
C TYR D 19 -10.21 -1.24 -44.52
N LEU D 20 -9.75 -0.01 -44.28
CA LEU D 20 -10.68 0.99 -43.71
C LEU D 20 -11.92 1.14 -44.58
N ARG D 21 -11.68 1.32 -45.88
CA ARG D 21 -12.72 1.61 -46.85
C ARG D 21 -13.82 0.55 -46.88
N GLU D 22 -13.43 -0.73 -46.78
CA GLU D 22 -14.40 -1.81 -46.91
C GLU D 22 -15.14 -2.13 -45.60
N GLN D 23 -14.46 -1.92 -44.47
CA GLN D 23 -15.07 -2.06 -43.15
C GLN D 23 -16.26 -1.12 -42.98
N ALA D 24 -16.14 0.08 -43.53
CA ALA D 24 -17.20 1.10 -43.47
C ALA D 24 -18.30 0.78 -44.45
N THR D 25 -17.92 0.31 -45.64
CA THR D 25 -18.89 0.00 -46.68
C THR D 25 -19.65 -1.29 -46.34
N GLY D 26 -19.04 -2.12 -45.51
CA GLY D 26 -19.63 -3.37 -45.05
C GLY D 26 -19.70 -4.45 -46.12
N ALA D 27 -18.79 -4.38 -47.09
CA ALA D 27 -18.71 -5.36 -48.16
C ALA D 27 -17.27 -5.53 -48.63
N LYS D 28 -16.83 -6.79 -48.66
CA LYS D 28 -15.46 -7.15 -48.98
C LYS D 28 -15.07 -6.86 -50.43
N ASP D 29 -13.78 -6.59 -50.65
CA ASP D 29 -13.24 -6.39 -52.00
C ASP D 29 -12.22 -7.48 -52.35
N GLY D 37 1.41 -8.24 -55.67
CA GLY D 37 0.62 -7.85 -54.50
C GLY D 37 0.07 -9.04 -53.70
N ALA D 38 0.87 -10.10 -53.61
CA ALA D 38 0.51 -11.26 -52.81
C ALA D 38 0.47 -10.93 -51.32
N THR D 39 1.55 -10.34 -50.82
CA THR D 39 1.67 -9.99 -49.40
C THR D 39 0.59 -9.02 -48.95
N SER D 40 0.27 -8.04 -49.80
CA SER D 40 -0.79 -7.07 -49.49
C SER D 40 -2.17 -7.71 -49.42
N ARG D 41 -2.43 -8.71 -50.26
CA ARG D 41 -3.73 -9.39 -50.24
C ARG D 41 -3.92 -10.23 -48.98
N LYS D 42 -2.86 -10.92 -48.55
CA LYS D 42 -2.84 -11.66 -47.27
C LYS D 42 -3.10 -10.76 -46.06
N ALA D 43 -2.41 -9.61 -46.03
CA ALA D 43 -2.50 -8.60 -44.96
C ALA D 43 -3.92 -8.04 -44.78
N LEU D 44 -4.64 -7.92 -45.90
CA LEU D 44 -6.02 -7.49 -45.90
C LEU D 44 -6.98 -8.56 -45.35
N GLU D 45 -6.61 -9.84 -45.53
CA GLU D 45 -7.35 -10.98 -44.97
C GLU D 45 -7.12 -11.10 -43.46
N THR D 46 -5.90 -10.75 -43.06
CA THR D 46 -5.44 -10.85 -41.68
C THR D 46 -6.04 -9.73 -40.81
N LEU D 47 -5.89 -8.48 -41.26
CA LEU D 47 -6.50 -7.33 -40.60
C LEU D 47 -8.01 -7.48 -40.47
N ARG D 48 -8.59 -8.27 -41.35
CA ARG D 48 -10.00 -8.57 -41.33
C ARG D 48 -10.30 -9.55 -40.19
N ARG D 49 -9.48 -10.61 -40.08
CA ARG D 49 -9.64 -11.60 -39.03
C ARG D 49 -9.32 -11.04 -37.65
N VAL D 50 -8.11 -10.50 -37.49
CA VAL D 50 -7.63 -10.07 -36.18
C VAL D 50 -8.19 -8.68 -35.80
N GLY D 51 -8.44 -7.86 -36.82
CA GLY D 51 -8.97 -6.52 -36.67
C GLY D 51 -10.37 -6.49 -36.14
N ASP D 52 -11.23 -7.38 -36.65
CA ASP D 52 -12.62 -7.45 -36.19
C ASP D 52 -12.66 -8.01 -34.77
N GLY D 53 -11.70 -8.88 -34.47
CA GLY D 53 -11.48 -9.40 -33.14
C GLY D 53 -11.16 -8.33 -32.12
N VAL D 54 -10.13 -7.53 -32.40
CA VAL D 54 -9.73 -6.43 -31.51
C VAL D 54 -10.88 -5.46 -31.25
N GLN D 55 -11.59 -5.07 -32.31
CA GLN D 55 -12.75 -4.20 -32.17
C GLN D 55 -13.77 -4.79 -31.18
N ARG D 56 -13.95 -6.10 -31.23
CA ARG D 56 -14.87 -6.77 -30.29
C ARG D 56 -14.39 -6.61 -28.83
N ASN D 57 -13.11 -6.86 -28.58
CA ASN D 57 -12.59 -6.88 -27.22
C ASN D 57 -12.49 -5.50 -26.59
N HIS D 58 -12.27 -4.48 -27.41
CA HIS D 58 -12.13 -3.13 -26.92
C HIS D 58 -13.36 -2.29 -27.20
N GLU D 59 -14.50 -2.94 -27.45
CA GLU D 59 -15.72 -2.21 -27.84
C GLU D 59 -16.02 -1.03 -26.94
N THR D 60 -16.03 -1.25 -25.63
CA THR D 60 -16.45 -0.20 -24.69
C THR D 60 -15.44 0.94 -24.57
N ALA D 61 -14.15 0.63 -24.60
CA ALA D 61 -13.09 1.67 -24.64
C ALA D 61 -13.08 2.40 -25.97
N PHE D 62 -13.08 1.65 -27.07
CA PHE D 62 -13.18 2.20 -28.43
C PHE D 62 -14.35 3.18 -28.48
N GLN D 63 -15.53 2.72 -28.05
CA GLN D 63 -16.69 3.60 -27.98
C GLN D 63 -16.44 4.85 -27.13
N GLY D 64 -15.90 4.67 -25.92
CA GLY D 64 -15.60 5.81 -25.05
C GLY D 64 -14.58 6.78 -25.62
N MET D 65 -13.56 6.28 -26.30
CA MET D 65 -12.58 7.19 -26.91
C MET D 65 -13.15 7.86 -28.17
N LEU D 66 -13.85 7.08 -28.99
CA LEU D 66 -14.62 7.65 -30.12
C LEU D 66 -15.46 8.87 -29.68
N ARG D 67 -16.37 8.69 -28.73
CA ARG D 67 -17.19 9.81 -28.22
C ARG D 67 -16.38 11.06 -27.81
N LYS D 68 -15.31 10.84 -27.06
CA LYS D 68 -14.51 11.95 -26.51
C LYS D 68 -13.57 12.58 -27.54
N LEU D 69 -13.42 11.92 -28.69
CA LEU D 69 -12.71 12.52 -29.81
C LEU D 69 -13.60 13.49 -30.58
N ASP D 70 -14.93 13.30 -30.52
CA ASP D 70 -15.88 14.29 -31.03
C ASP D 70 -15.58 14.68 -32.47
N ILE D 71 -15.43 13.67 -33.32
CA ILE D 71 -15.13 13.86 -34.73
C ILE D 71 -16.43 14.15 -35.47
N LYS D 72 -16.43 15.22 -36.28
CA LYS D 72 -17.60 15.51 -37.12
C LYS D 72 -17.36 15.90 -38.59
N ASN D 73 -16.15 16.34 -38.95
CA ASN D 73 -15.81 16.73 -40.34
C ASN D 73 -14.40 16.31 -40.77
N GLU D 74 -13.95 16.79 -41.93
CA GLU D 74 -12.58 16.52 -42.39
C GLU D 74 -11.52 17.21 -41.52
N ASP D 75 -11.88 18.38 -40.99
CA ASP D 75 -11.00 19.19 -40.14
C ASP D 75 -10.64 18.49 -38.85
N ASP D 76 -11.59 17.75 -38.28
CA ASP D 76 -11.37 16.93 -37.09
C ASP D 76 -10.36 15.78 -37.29
N VAL D 77 -10.30 15.23 -38.52
CA VAL D 77 -9.41 14.08 -38.86
C VAL D 77 -7.92 14.45 -38.70
N LYS D 78 -7.58 15.70 -39.03
CA LYS D 78 -6.21 16.20 -38.91
C LYS D 78 -5.75 16.29 -37.44
N SER D 79 -6.58 16.87 -36.57
CA SER D 79 -6.27 16.91 -35.14
C SER D 79 -6.34 15.52 -34.46
N LEU D 80 -6.69 14.50 -35.26
CA LEU D 80 -6.57 13.10 -34.83
C LEU D 80 -5.15 12.62 -35.02
N SER D 81 -4.57 12.92 -36.18
CA SER D 81 -3.13 12.74 -36.43
C SER D 81 -2.29 12.99 -35.17
N ARG D 82 -2.58 14.07 -34.45
CA ARG D 82 -1.79 14.43 -33.26
C ARG D 82 -2.05 13.55 -32.02
N VAL D 83 -3.29 13.10 -31.80
CA VAL D 83 -3.59 12.17 -30.68
C VAL D 83 -3.01 10.78 -31.03
N MET D 84 -3.10 10.44 -32.31
CA MET D 84 -2.56 9.20 -32.82
C MET D 84 -1.10 9.06 -32.46
N ILE D 85 -0.31 10.08 -32.82
CA ILE D 85 1.13 10.17 -32.54
C ILE D 85 1.37 9.93 -31.07
N HIS D 86 0.65 10.68 -30.21
CA HIS D 86 0.85 10.59 -28.76
C HIS D 86 0.65 9.17 -28.26
N VAL D 87 -0.52 8.58 -28.54
CA VAL D 87 -0.88 7.29 -27.97
C VAL D 87 -0.02 6.16 -28.57
N PHE D 88 0.23 6.22 -29.89
CA PHE D 88 0.97 5.18 -30.59
C PHE D 88 2.44 5.17 -30.23
N SER D 89 3.06 6.34 -30.09
CA SER D 89 4.50 6.38 -29.79
C SER D 89 4.78 6.28 -28.29
N ASP D 90 3.71 6.24 -27.50
CA ASP D 90 3.83 5.97 -26.07
C ASP D 90 4.07 4.48 -25.87
N GLY D 91 5.09 4.15 -25.07
CA GLY D 91 5.37 2.75 -24.71
C GLY D 91 5.99 1.83 -25.76
N VAL D 92 5.76 0.53 -25.59
CA VAL D 92 6.47 -0.54 -26.31
C VAL D 92 5.96 -0.79 -27.72
N THR D 93 6.85 -1.29 -28.58
CA THR D 93 6.53 -1.52 -30.00
C THR D 93 6.34 -3.00 -30.31
N ASN D 94 5.16 -3.35 -30.82
CA ASN D 94 4.93 -4.72 -31.24
C ASN D 94 3.81 -4.83 -32.27
N TRP D 95 3.71 -5.98 -32.93
CA TRP D 95 2.64 -6.23 -33.90
C TRP D 95 1.22 -6.03 -33.38
N GLY D 96 0.97 -6.43 -32.13
CA GLY D 96 -0.37 -6.34 -31.53
C GLY D 96 -0.90 -4.91 -31.49
N ARG D 97 -0.02 -3.98 -31.13
CA ARG D 97 -0.37 -2.57 -31.11
C ARG D 97 -0.51 -1.92 -32.47
N ILE D 98 0.24 -2.43 -33.44
CA ILE D 98 0.07 -1.97 -34.82
C ILE D 98 -1.35 -2.34 -35.26
N VAL D 99 -1.79 -3.53 -34.88
CA VAL D 99 -3.15 -3.99 -35.19
C VAL D 99 -4.26 -3.17 -34.52
N THR D 100 -4.10 -2.83 -33.24
CA THR D 100 -5.03 -1.92 -32.53
C THR D 100 -5.09 -0.54 -33.19
N LEU D 101 -3.93 -0.03 -33.63
CA LEU D 101 -3.87 1.25 -34.34
C LEU D 101 -4.80 1.22 -35.55
N ILE D 102 -4.71 0.16 -36.32
CA ILE D 102 -5.43 0.06 -37.61
C ILE D 102 -6.87 -0.34 -37.33
N SER D 103 -7.05 -1.11 -36.26
CA SER D 103 -8.34 -1.67 -35.86
C SER D 103 -9.24 -0.54 -35.36
N PHE D 104 -8.64 0.39 -34.64
CA PHE D 104 -9.39 1.57 -34.22
C PHE D 104 -9.68 2.45 -35.43
N GLY D 105 -8.70 2.51 -36.36
CA GLY D 105 -8.83 3.13 -37.66
C GLY D 105 -10.13 2.76 -38.36
N ALA D 106 -10.38 1.46 -38.47
CA ALA D 106 -11.62 0.98 -39.10
C ALA D 106 -12.87 1.38 -38.30
N PHE D 107 -12.76 1.36 -36.97
CA PHE D 107 -13.84 1.74 -36.02
C PHE D 107 -14.31 3.17 -36.32
N VAL D 108 -13.35 4.07 -36.44
CA VAL D 108 -13.60 5.47 -36.76
C VAL D 108 -14.13 5.57 -38.20
N ALA D 109 -13.63 4.72 -39.11
CA ALA D 109 -14.05 4.79 -40.50
C ALA D 109 -15.53 4.41 -40.62
N LYS D 110 -15.93 3.44 -39.81
CA LYS D 110 -17.33 3.01 -39.66
C LYS D 110 -18.20 4.12 -39.10
N HIS D 111 -17.65 4.86 -38.14
CA HIS D 111 -18.33 6.02 -37.58
C HIS D 111 -18.46 7.08 -38.62
N LEU D 112 -17.36 7.39 -39.31
CA LEU D 112 -17.37 8.40 -40.35
C LEU D 112 -18.48 8.13 -41.38
N LYS D 113 -18.66 6.85 -41.71
CA LYS D 113 -19.74 6.40 -42.60
C LYS D 113 -21.13 6.85 -42.09
N THR D 114 -21.39 6.53 -40.83
CA THR D 114 -22.70 6.76 -40.22
C THR D 114 -23.12 8.23 -40.19
N ILE D 115 -22.13 9.12 -40.06
CA ILE D 115 -22.39 10.56 -40.07
C ILE D 115 -22.19 11.20 -41.44
N ASN D 116 -22.37 10.39 -42.49
CA ASN D 116 -22.22 10.83 -43.89
C ASN D 116 -20.91 11.58 -44.16
N GLN D 117 -19.78 11.03 -43.70
CA GLN D 117 -18.47 11.64 -43.93
C GLN D 117 -17.52 10.61 -44.54
N GLU D 118 -18.07 9.72 -45.36
CA GLU D 118 -17.29 8.74 -46.13
C GLU D 118 -16.00 9.34 -46.71
N SER D 119 -16.07 10.58 -47.16
CA SER D 119 -14.95 11.27 -47.82
C SER D 119 -13.78 11.52 -46.87
N CYS D 120 -14.00 11.30 -45.58
CA CYS D 120 -12.96 11.47 -44.58
C CYS D 120 -12.13 10.20 -44.36
N ILE D 121 -12.55 9.08 -44.94
CA ILE D 121 -11.93 7.77 -44.69
C ILE D 121 -10.50 7.75 -45.23
N GLU D 122 -10.35 8.12 -46.50
CA GLU D 122 -9.08 8.16 -47.18
C GLU D 122 -8.04 9.11 -46.54
N PRO D 123 -8.43 10.33 -46.11
CA PRO D 123 -7.41 11.08 -45.38
C PRO D 123 -7.06 10.45 -44.02
N LEU D 124 -8.02 9.75 -43.42
CA LEU D 124 -7.77 8.99 -42.19
C LEU D 124 -6.73 7.89 -42.42
N ALA D 125 -6.91 7.11 -43.49
CA ALA D 125 -5.97 6.03 -43.81
C ALA D 125 -4.58 6.58 -44.06
N GLU D 126 -4.57 7.70 -44.77
CA GLU D 126 -3.36 8.43 -45.04
C GLU D 126 -2.65 8.81 -43.75
N SER D 127 -3.35 9.40 -42.77
CA SER D 127 -2.69 9.83 -41.52
C SER D 127 -2.22 8.65 -40.66
N ILE D 128 -3.01 7.57 -40.60
CA ILE D 128 -2.58 6.35 -39.91
C ILE D 128 -1.30 5.76 -40.51
N THR D 129 -1.27 5.66 -41.85
CA THR D 129 -0.11 5.13 -42.58
C THR D 129 1.09 6.02 -42.26
N ASP D 130 0.87 7.33 -42.27
CA ASP D 130 1.97 8.28 -42.00
C ASP D 130 2.54 8.09 -40.58
N VAL D 131 1.65 7.98 -39.58
CA VAL D 131 2.05 7.71 -38.20
C VAL D 131 2.85 6.40 -38.12
N LEU D 132 2.28 5.31 -38.65
CA LEU D 132 2.91 3.96 -38.65
C LEU D 132 4.37 3.96 -39.16
N VAL D 133 4.52 4.17 -40.47
CA VAL D 133 5.79 4.09 -41.21
C VAL D 133 6.79 5.13 -40.74
N ARG D 134 6.30 6.31 -40.40
CA ARG D 134 7.14 7.38 -39.89
C ARG D 134 7.69 7.12 -38.48
N THR D 135 6.88 6.61 -37.55
CA THR D 135 7.43 6.34 -36.20
C THR D 135 8.04 4.94 -36.04
N LYS D 136 7.74 4.03 -36.95
CA LYS D 136 8.12 2.62 -36.79
C LYS D 136 8.94 2.02 -37.94
N ARG D 137 9.66 2.86 -38.68
CA ARG D 137 10.36 2.39 -39.87
C ARG D 137 11.38 1.28 -39.60
N ASP D 138 12.37 1.57 -38.76
CA ASP D 138 13.44 0.62 -38.43
C ASP D 138 12.93 -0.72 -37.91
N TRP D 139 11.93 -0.66 -37.02
CA TRP D 139 11.32 -1.86 -36.45
C TRP D 139 10.62 -2.63 -37.57
N LEU D 140 9.85 -1.91 -38.38
CA LEU D 140 9.14 -2.53 -39.50
C LEU D 140 10.13 -3.17 -40.47
N VAL D 141 11.24 -2.48 -40.72
CA VAL D 141 12.33 -3.00 -41.56
C VAL D 141 12.88 -4.31 -40.99
N LYS D 142 13.03 -4.39 -39.67
CA LYS D 142 13.68 -5.55 -39.04
C LYS D 142 12.72 -6.74 -39.07
N GLN D 143 11.43 -6.45 -38.97
CA GLN D 143 10.44 -7.51 -38.92
C GLN D 143 9.97 -7.90 -40.30
N ARG D 144 10.66 -7.40 -41.32
CA ARG D 144 10.38 -7.71 -42.74
C ARG D 144 9.01 -7.22 -43.23
N GLY D 145 8.63 -6.01 -42.81
CA GLY D 145 7.42 -5.35 -43.28
C GLY D 145 6.16 -6.19 -43.17
N TRP D 146 5.33 -6.15 -44.21
CA TRP D 146 4.03 -6.84 -44.19
C TRP D 146 4.14 -8.36 -44.37
N ASP D 147 5.28 -8.84 -44.84
CA ASP D 147 5.58 -10.28 -44.82
C ASP D 147 5.57 -10.75 -43.37
N GLY D 148 6.19 -9.96 -42.49
CA GLY D 148 6.27 -10.26 -41.06
C GLY D 148 4.89 -10.37 -40.47
N PHE D 149 4.11 -9.31 -40.68
CA PHE D 149 2.72 -9.20 -40.25
C PHE D 149 1.92 -10.47 -40.62
N VAL D 150 1.94 -10.87 -41.89
CA VAL D 150 1.11 -11.99 -42.33
C VAL D 150 1.60 -13.28 -41.69
N GLU D 151 2.88 -13.58 -41.89
CA GLU D 151 3.57 -14.71 -41.28
C GLU D 151 3.19 -14.87 -39.82
N PHE D 152 3.21 -13.75 -39.09
CA PHE D 152 2.87 -13.71 -37.68
C PHE D 152 1.44 -14.15 -37.37
N PHE D 153 0.48 -13.82 -38.23
CA PHE D 153 -0.95 -14.01 -37.94
C PHE D 153 -1.69 -15.11 -38.72
N HIS D 154 -0.98 -15.86 -39.55
CA HIS D 154 -1.58 -16.84 -40.49
C HIS D 154 -2.20 -18.08 -39.83
N VAL D 155 -3.24 -18.62 -40.48
CA VAL D 155 -4.09 -19.75 -40.03
C VAL D 155 -4.15 -19.97 -38.51
C1 LC3 E . 19.64 -31.53 15.84
C2 LC3 E . 19.20 -31.62 14.52
C3 LC3 E . 19.28 -30.44 16.60
C4 LC3 E . 20.49 -32.57 16.47
C5 LC3 E . 18.42 -30.60 13.99
C6 LC3 E . 18.51 -29.44 16.07
O7 LC3 E . 20.60 -33.69 15.91
O8 LC3 E . 21.08 -32.24 17.54
C9 LC3 E . 18.08 -29.50 14.76
C10 LC3 E . 17.11 -26.49 12.77
C11 LC3 E . 17.84 -27.62 13.26
C12 LC3 E . 17.32 -28.37 14.24
N13 LC3 E . 16.08 -28.03 14.76
C14 LC3 E . 15.35 -26.95 14.31
C15 LC3 E . 15.91 -26.15 13.27
N16 LC3 E . 15.44 -28.68 15.73
C17 LC3 E . 14.29 -28.01 15.91
C18 LC3 E . 14.18 -26.90 15.03
C19 LC3 E . 13.28 -28.51 16.96
C20 LC3 E . 13.09 -25.90 14.89
C21 LC3 E . 11.90 -26.45 14.12
C22 LC3 E . 11.97 -26.30 12.62
O23 LC3 E . 12.78 -25.16 12.32
O24 LC3 E . 13.77 -29.04 17.98
O25 LC3 E . 12.06 -28.41 16.69
C26 LC3 E . 13.00 -25.02 10.96
C27 LC3 E . 13.11 -26.09 10.11
C28 LC3 E . 13.35 -25.89 8.77
C29 LC3 E . 13.48 -24.61 8.28
C30 LC3 E . 13.37 -23.53 9.15
C31 LC3 E . 13.14 -23.72 10.49
C32 LC3 E . 13.51 -22.25 8.67
C33 LC3 E . 13.42 -21.18 9.55
C34 LC3 E . 13.18 -21.37 10.89
C35 LC3 E . 13.04 -22.66 11.37
C1 LC3 F . -8.21 -5.14 12.39
C2 LC3 F . -8.32 -3.79 12.63
C3 LC3 F . -7.94 -5.60 11.12
C4 LC3 F . -8.36 -6.10 13.50
C5 LC3 F . -8.18 -2.89 11.60
C6 LC3 F . -7.81 -4.71 10.09
O7 LC3 F . -7.75 -5.82 14.57
O8 LC3 F . -9.10 -7.10 13.28
C9 LC3 F . -7.92 -3.35 10.32
C10 LC3 F . -8.74 -0.62 7.91
C11 LC3 F . -8.83 -1.55 9.00
C12 LC3 F . -7.81 -2.40 9.20
N13 LC3 F . -6.71 -2.35 8.36
C14 LC3 F . -6.60 -1.46 7.31
C15 LC3 F . -7.68 -0.56 7.11
N16 LC3 F . -5.62 -3.13 8.44
C17 LC3 F . -4.82 -2.72 7.43
C18 LC3 F . -5.39 -1.66 6.68
C19 LC3 F . -3.46 -3.38 7.19
C20 LC3 F . -4.81 -0.97 5.52
C21 LC3 F . -3.83 0.12 5.89
C22 LC3 F . -4.48 1.34 6.50
O23 LC3 F . -5.34 1.88 5.52
O24 LC3 F . -3.45 -4.60 7.42
O25 LC3 F . -2.50 -2.66 6.80
C26 LC3 F . -6.06 3.00 5.92
C27 LC3 F . -6.04 3.48 7.21
C28 LC3 F . -6.80 4.59 7.53
C29 LC3 F . -7.56 5.19 6.55
C30 LC3 F . -7.59 4.69 5.26
C31 LC3 F . -6.83 3.61 4.94
C32 LC3 F . -8.38 5.29 4.29
C33 LC3 F . -8.38 4.79 3.01
C34 LC3 F . -7.62 3.69 2.68
C35 LC3 F . -6.85 3.09 3.65
C1 LC3 G . 7.27 2.23 20.47
C2 LC3 G . 6.55 2.69 19.39
C3 LC3 G . 7.05 2.85 21.67
C4 LC3 G . 8.25 1.11 20.36
C5 LC3 G . 5.65 3.74 19.53
C6 LC3 G . 6.15 3.89 21.83
O7 LC3 G . 8.52 0.61 19.23
O8 LC3 G . 8.78 0.71 21.43
C9 LC3 G . 5.44 4.36 20.74
C10 LC3 G . 4.04 7.81 20.27
C11 LC3 G . 4.84 6.64 20.20
C12 LC3 G . 4.52 5.52 20.86
N13 LC3 G . 3.37 5.55 21.62
C14 LC3 G . 2.57 6.66 21.72
C15 LC3 G . 2.92 7.82 21.02
N16 LC3 G . 2.86 4.53 22.34
C17 LC3 G . 1.74 5.00 22.89
C18 LC3 G . 1.49 6.35 22.53
C19 LC3 G . 0.89 4.11 23.81
C20 LC3 G . 0.40 7.26 22.94
C21 LC3 G . -0.81 7.24 22.02
C22 LC3 G . -0.38 7.83 20.71
O23 LC3 G . -0.35 9.22 20.95
O24 LC3 G . 1.51 3.15 24.36
O25 LC3 G . -0.34 4.34 23.85
C26 LC3 G . 0.02 9.88 19.80
C27 LC3 G . 0.08 9.21 18.59
C28 LC3 G . 0.46 9.92 17.47
C29 LC3 G . 0.75 11.27 17.59
C30 LC3 G . 0.67 11.93 18.80
C31 LC3 G . 0.32 11.23 19.92
C32 LC3 G . 0.98 13.29 18.88
C33 LC3 G . 0.90 13.93 20.10
C34 LC3 G . 0.53 13.23 21.23
C35 LC3 G . 0.24 11.89 21.15
C1 LC3 H . -8.35 1.10 -23.53
C2 LC3 H . -8.29 2.44 -23.79
C3 LC3 H . -8.07 0.21 -24.55
C4 LC3 H . -8.73 0.64 -22.17
C5 LC3 H . -7.97 2.90 -25.05
C6 LC3 H . -7.74 0.66 -25.82
O7 LC3 H . -9.14 1.53 -21.36
O8 LC3 H . -8.64 -0.61 -21.93
C9 LC3 H . -7.69 2.01 -26.08
C10 LC3 H . -8.03 3.49 -29.48
C11 LC3 H . -8.33 3.08 -28.13
C12 LC3 H . -7.37 2.47 -27.43
N13 LC3 H . -6.14 2.26 -27.99
C14 LC3 H . -5.82 2.63 -29.28
C15 LC3 H . -6.84 3.27 -30.02
N16 LC3 H . -5.09 1.66 -27.40
C17 LC3 H . -4.11 1.67 -28.32
C18 LC3 H . -4.51 2.27 -29.54
C19 LC3 H . -2.72 1.09 -28.04
C20 LC3 H . -3.70 2.44 -30.78
C21 LC3 H . -2.83 3.69 -30.78
C22 LC3 H . -3.69 4.92 -30.90
O23 LC3 H . -4.39 4.91 -32.14
O24 LC3 H . -2.68 0.23 -27.12
O25 LC3 H . -1.76 1.56 -28.70
C26 LC3 H . -5.17 6.05 -32.30
C27 LC3 H . -5.24 7.09 -31.38
C28 LC3 H . -6.02 8.20 -31.61
C29 LC3 H . -6.76 8.27 -32.77
C30 LC3 H . -6.69 7.25 -33.70
C31 LC3 H . -5.90 6.13 -33.47
C32 LC3 H . -7.41 7.32 -34.87
C33 LC3 H . -7.35 6.28 -35.78
C34 LC3 H . -6.56 5.18 -35.55
C35 LC3 H . -5.83 5.11 -34.39
#